data_1IE8
#
_entry.id   1IE8
#
_cell.length_a   44.49
_cell.length_b   51.87
_cell.length_c   131.39
_cell.angle_alpha   90.00
_cell.angle_beta   90.00
_cell.angle_gamma   90.00
#
_symmetry.space_group_name_H-M   'P 21 21 21'
#
loop_
_entity.id
_entity.type
_entity.pdbx_description
1 polymer 'VITAMIN D3 RECEPTOR'
2 non-polymer 5-(2-{1-[1-(4-ETHYL-4-HYDROXY-HEXYLOXY)-ETHYL]-7A-METHYL-OCTAHYDRO-INDEN-4-YLIDENE}-ETHYLIDENE)-4-METHYLENE-CYCLOHEXANE-1,3-DIOL
3 water water
#
_entity_poly.entity_id   1
_entity_poly.type   'polypeptide(L)'
_entity_poly.pdbx_seq_one_letter_code
;DSLRPKLSEEQQRIIAILLDAHHKTYDPTYSDFCQFRPPVRVNDGGGSVTLELSQLSMLPHLADLVSYSIQKVIGFAKMI
PGFRDLTSEDQIVLLKSSAIEVIMLRSNESFTMDDMSWTCGNQDYKYRVSDVTKAGHSLELIEPLIKFQVGLKKLNLHEE
EHVLLMAICIVSPDRPGVQDAALIEAIQDRLSNTLQTYIRCRHPPPGSHLLYAKMIQKLADLRSLNEEHSKQYRCLSFQP
ECSMKLTPLVLEVFGNEIS
;
_entity_poly.pdbx_strand_id   A
#
# COMPACT_ATOMS: atom_id res chain seq x y z
N LEU A 3 -20.01 23.55 11.10
CA LEU A 3 -19.38 24.46 10.09
C LEU A 3 -18.85 23.64 8.92
N ARG A 4 -19.41 23.86 7.74
CA ARG A 4 -19.01 23.12 6.55
C ARG A 4 -18.51 24.01 5.43
N PRO A 5 -17.26 24.47 5.53
CA PRO A 5 -16.70 25.32 4.49
C PRO A 5 -16.60 24.52 3.19
N LYS A 6 -16.81 25.19 2.07
CA LYS A 6 -16.73 24.53 0.78
C LYS A 6 -15.26 24.30 0.43
N LEU A 7 -15.00 23.35 -0.47
CA LEU A 7 -13.64 23.10 -0.90
C LEU A 7 -13.16 24.31 -1.70
N SER A 8 -11.95 24.77 -1.42
CA SER A 8 -11.42 25.90 -2.14
C SER A 8 -11.10 25.43 -3.56
N GLU A 9 -10.92 26.37 -4.47
CA GLU A 9 -10.59 26.02 -5.85
C GLU A 9 -9.32 25.17 -5.82
N GLU A 10 -8.40 25.50 -4.91
CA GLU A 10 -7.15 24.78 -4.78
C GLU A 10 -7.38 23.35 -4.30
N GLN A 11 -8.23 23.17 -3.30
CA GLN A 11 -8.51 21.83 -2.80
C GLN A 11 -9.19 20.97 -3.88
N GLN A 12 -10.05 21.59 -4.67
CA GLN A 12 -10.72 20.87 -5.75
C GLN A 12 -9.66 20.40 -6.75
N ARG A 13 -8.67 21.24 -7.00
CA ARG A 13 -7.62 20.91 -7.93
C ARG A 13 -6.78 19.76 -7.36
N ILE A 14 -6.47 19.81 -6.07
CA ILE A 14 -5.67 18.75 -5.45
C ILE A 14 -6.38 17.40 -5.63
N ILE A 15 -7.68 17.37 -5.39
CA ILE A 15 -8.48 16.15 -5.55
C ILE A 15 -8.45 15.67 -6.99
N ALA A 16 -8.63 16.58 -7.95
CA ALA A 16 -8.61 16.18 -9.34
C ALA A 16 -7.24 15.64 -9.73
N ILE A 17 -6.18 16.25 -9.22
CA ILE A 17 -4.83 15.80 -9.54
C ILE A 17 -4.59 14.40 -8.97
N LEU A 18 -5.03 14.18 -7.74
CA LEU A 18 -4.82 12.86 -7.12
C LEU A 18 -5.65 11.77 -7.78
N LEU A 19 -6.87 12.08 -8.20
CA LEU A 19 -7.69 11.09 -8.88
C LEU A 19 -7.02 10.75 -10.21
N ASP A 20 -6.53 11.76 -10.92
CA ASP A 20 -5.84 11.54 -12.19
C ASP A 20 -4.56 10.71 -11.98
N ALA A 21 -3.78 11.03 -10.95
CA ALA A 21 -2.56 10.29 -10.69
C ALA A 21 -2.90 8.83 -10.39
N HIS A 22 -3.95 8.60 -9.60
CA HIS A 22 -4.32 7.21 -9.32
C HIS A 22 -4.79 6.48 -10.58
N HIS A 23 -5.59 7.15 -11.41
CA HIS A 23 -6.10 6.49 -12.61
C HIS A 23 -4.99 6.16 -13.59
N LYS A 24 -3.91 6.94 -13.53
CA LYS A 24 -2.76 6.72 -14.40
C LYS A 24 -1.82 5.64 -13.87
N THR A 25 -1.92 5.34 -12.58
CA THR A 25 -0.99 4.40 -11.93
C THR A 25 -1.59 3.15 -11.31
N TYR A 26 -2.92 3.01 -11.41
CA TYR A 26 -3.58 1.82 -10.90
C TYR A 26 -4.52 1.30 -12.00
N ASP A 27 -4.11 0.20 -12.64
CA ASP A 27 -4.90 -0.40 -13.72
C ASP A 27 -5.91 -1.33 -13.08
N PRO A 28 -7.20 -0.95 -13.11
CA PRO A 28 -8.23 -1.79 -12.48
C PRO A 28 -8.54 -3.12 -13.16
N THR A 29 -7.89 -3.37 -14.30
CA THR A 29 -8.07 -4.63 -15.00
C THR A 29 -6.92 -5.59 -14.71
N TYR A 30 -5.85 -5.09 -14.10
CA TYR A 30 -4.69 -5.95 -13.72
C TYR A 30 -4.10 -6.64 -14.94
N SER A 31 -4.20 -5.97 -16.09
CA SER A 31 -3.76 -6.52 -17.37
C SER A 31 -2.27 -6.78 -17.52
N ASP A 32 -1.43 -6.20 -16.64
CA ASP A 32 0.00 -6.44 -16.74
C ASP A 32 0.45 -7.67 -15.95
N PHE A 33 -0.43 -8.21 -15.10
CA PHE A 33 0.00 -9.29 -14.20
C PHE A 33 0.52 -10.58 -14.85
N CYS A 34 0.06 -10.87 -16.07
CA CYS A 34 0.55 -12.06 -16.75
C CYS A 34 2.03 -11.91 -17.14
N GLN A 35 2.57 -10.68 -17.06
CA GLN A 35 3.97 -10.44 -17.42
C GLN A 35 4.90 -10.81 -16.29
N PHE A 36 4.35 -10.95 -15.10
CA PHE A 36 5.16 -11.30 -13.94
C PHE A 36 5.60 -12.75 -14.00
N ARG A 37 6.61 -13.11 -13.20
CA ARG A 37 6.99 -14.50 -13.15
C ARG A 37 5.73 -15.20 -12.69
N PRO A 38 5.45 -16.38 -13.24
CA PRO A 38 4.23 -17.09 -12.88
C PRO A 38 3.98 -17.54 -11.46
N PRO A 39 2.71 -17.47 -11.04
CA PRO A 39 2.41 -17.92 -9.68
C PRO A 39 2.57 -19.45 -9.70
N VAL A 40 3.07 -20.00 -8.61
CA VAL A 40 3.20 -21.46 -8.47
C VAL A 40 2.63 -21.77 -7.09
N ARG A 41 1.70 -22.72 -7.04
CA ARG A 41 1.10 -23.08 -5.77
C ARG A 41 1.31 -24.54 -5.44
N VAL A 42 2.27 -24.79 -4.53
CA VAL A 42 2.60 -26.15 -4.12
C VAL A 42 1.69 -26.65 -3.02
N ASN A 43 1.71 -27.96 -2.81
CA ASN A 43 0.88 -28.57 -1.77
C ASN A 43 1.42 -28.18 -0.40
N ASP A 44 0.61 -27.49 0.40
CA ASP A 44 1.02 -27.08 1.73
C ASP A 44 -0.17 -26.90 2.68
N GLY A 45 -1.07 -27.88 2.66
CA GLY A 45 -2.24 -27.82 3.52
C GLY A 45 -1.85 -27.69 4.99
N GLY A 46 -0.66 -28.16 5.33
CA GLY A 46 -0.23 -28.07 6.71
C GLY A 46 0.37 -26.71 7.00
N GLY A 47 0.58 -25.93 5.94
CA GLY A 47 1.17 -24.61 6.10
C GLY A 47 2.53 -24.77 6.74
N SER A 48 3.26 -25.79 6.30
CA SER A 48 4.59 -26.08 6.85
C SER A 48 5.60 -24.97 6.59
N VAL A 49 6.13 -24.39 7.67
CA VAL A 49 7.12 -23.34 7.54
C VAL A 49 8.37 -23.87 6.82
N THR A 50 8.82 -25.07 7.19
CA THR A 50 10.00 -25.66 6.56
C THR A 50 9.78 -25.80 5.07
N LEU A 51 8.63 -26.34 4.67
CA LEU A 51 8.34 -26.51 3.25
C LEU A 51 8.20 -25.16 2.55
N GLU A 52 7.51 -24.21 3.19
CA GLU A 52 7.32 -22.90 2.60
C GLU A 52 8.65 -22.20 2.34
N LEU A 53 9.57 -22.28 3.30
CA LEU A 53 10.88 -21.65 3.12
C LEU A 53 11.71 -22.40 2.11
N SER A 54 11.56 -23.73 2.05
CA SER A 54 12.32 -24.51 1.09
C SER A 54 11.92 -24.22 -0.36
N GLN A 55 10.64 -23.92 -0.58
CA GLN A 55 10.16 -23.66 -1.93
C GLN A 55 9.88 -22.20 -2.30
N LEU A 56 9.31 -21.45 -1.36
CA LEU A 56 8.95 -20.05 -1.61
C LEU A 56 8.29 -19.97 -3.00
N SER A 57 7.35 -20.88 -3.23
CA SER A 57 6.70 -20.98 -4.55
C SER A 57 6.04 -19.75 -5.11
N MET A 58 5.39 -18.99 -4.23
CA MET A 58 4.69 -17.79 -4.68
C MET A 58 5.54 -16.54 -4.55
N LEU A 59 6.79 -16.66 -4.08
CA LEU A 59 7.60 -15.47 -3.94
C LEU A 59 7.97 -14.74 -5.25
N PRO A 60 8.38 -15.47 -6.29
CA PRO A 60 8.73 -14.75 -7.52
C PRO A 60 7.56 -13.88 -8.03
N HIS A 61 6.38 -14.50 -8.07
CA HIS A 61 5.20 -13.78 -8.56
C HIS A 61 4.81 -12.60 -7.65
N LEU A 62 4.73 -12.84 -6.35
CA LEU A 62 4.35 -11.74 -5.45
C LEU A 62 5.43 -10.67 -5.36
N ALA A 63 6.72 -11.06 -5.47
CA ALA A 63 7.77 -10.05 -5.48
C ALA A 63 7.65 -9.17 -6.74
N ASP A 64 7.30 -9.81 -7.86
CA ASP A 64 7.12 -9.04 -9.10
C ASP A 64 5.89 -8.14 -8.95
N LEU A 65 4.84 -8.65 -8.31
CA LEU A 65 3.65 -7.82 -8.12
C LEU A 65 3.99 -6.63 -7.23
N VAL A 66 4.71 -6.88 -6.15
CA VAL A 66 5.06 -5.81 -5.23
C VAL A 66 6.01 -4.82 -5.87
N SER A 67 7.00 -5.34 -6.62
CA SER A 67 7.95 -4.45 -7.29
C SER A 67 7.23 -3.54 -8.29
N TYR A 68 6.34 -4.13 -9.08
CA TYR A 68 5.54 -3.37 -10.05
C TYR A 68 4.76 -2.30 -9.29
N SER A 69 4.17 -2.72 -8.17
CA SER A 69 3.38 -1.79 -7.39
C SER A 69 4.21 -0.65 -6.81
N ILE A 70 5.45 -0.93 -6.40
CA ILE A 70 6.29 0.13 -5.90
C ILE A 70 6.57 1.13 -7.03
N GLN A 71 6.80 0.64 -8.25
CA GLN A 71 7.02 1.56 -9.37
C GLN A 71 5.80 2.45 -9.55
N LYS A 72 4.60 1.85 -9.44
CA LYS A 72 3.39 2.66 -9.59
C LYS A 72 3.24 3.69 -8.46
N VAL A 73 3.58 3.31 -7.24
CA VAL A 73 3.51 4.22 -6.10
C VAL A 73 4.48 5.39 -6.27
N ILE A 74 5.66 5.12 -6.85
CA ILE A 74 6.64 6.18 -7.08
C ILE A 74 5.99 7.18 -8.06
N GLY A 75 5.36 6.67 -9.12
CA GLY A 75 4.71 7.56 -10.08
C GLY A 75 3.59 8.37 -9.47
N PHE A 76 2.80 7.72 -8.61
CA PHE A 76 1.68 8.40 -7.93
C PHE A 76 2.24 9.49 -7.02
N ALA A 77 3.24 9.15 -6.21
CA ALA A 77 3.84 10.12 -5.30
C ALA A 77 4.34 11.36 -6.02
N LYS A 78 4.98 11.16 -7.17
CA LYS A 78 5.51 12.30 -7.91
C LYS A 78 4.43 13.27 -8.37
N MET A 79 3.18 12.84 -8.40
CA MET A 79 2.08 13.71 -8.80
C MET A 79 1.36 14.35 -7.61
N ILE A 80 1.72 13.97 -6.39
CA ILE A 80 1.05 14.58 -5.23
C ILE A 80 1.47 16.06 -5.18
N PRO A 81 0.49 16.98 -5.10
CA PRO A 81 0.83 18.41 -5.05
C PRO A 81 1.80 18.69 -3.90
N GLY A 82 2.93 19.29 -4.25
CA GLY A 82 3.93 19.62 -3.25
C GLY A 82 5.05 18.61 -3.09
N PHE A 83 4.83 17.36 -3.50
CA PHE A 83 5.89 16.36 -3.34
C PHE A 83 7.20 16.73 -4.04
N ARG A 84 7.10 17.31 -5.24
CA ARG A 84 8.31 17.66 -5.97
C ARG A 84 9.05 18.84 -5.36
N ASP A 85 8.44 19.51 -4.39
CA ASP A 85 9.09 20.64 -3.73
C ASP A 85 10.14 20.12 -2.75
N LEU A 86 9.93 18.90 -2.25
CA LEU A 86 10.86 18.28 -1.32
C LEU A 86 12.18 17.91 -2.02
N THR A 87 13.27 17.84 -1.25
CA THR A 87 14.56 17.45 -1.82
C THR A 87 14.43 16.00 -2.27
N SER A 88 15.32 15.54 -3.14
CA SER A 88 15.24 14.17 -3.62
C SER A 88 15.49 13.19 -2.49
N GLU A 89 16.39 13.55 -1.58
CA GLU A 89 16.72 12.69 -0.44
C GLU A 89 15.45 12.49 0.41
N ASP A 90 14.69 13.56 0.65
CA ASP A 90 13.48 13.43 1.44
C ASP A 90 12.44 12.63 0.66
N GLN A 91 12.36 12.86 -0.64
CA GLN A 91 11.41 12.11 -1.47
C GLN A 91 11.68 10.61 -1.35
N ILE A 92 12.93 10.23 -1.48
CA ILE A 92 13.29 8.82 -1.39
C ILE A 92 13.06 8.22 0.01
N VAL A 93 13.35 9.00 1.05
CA VAL A 93 13.14 8.51 2.40
C VAL A 93 11.64 8.20 2.56
N LEU A 94 10.80 9.13 2.10
CA LEU A 94 9.36 8.95 2.23
C LEU A 94 8.83 7.78 1.42
N LEU A 95 9.35 7.60 0.21
CA LEU A 95 8.92 6.49 -0.63
C LEU A 95 9.34 5.14 -0.07
N LYS A 96 10.58 5.03 0.39
CA LYS A 96 11.03 3.76 0.92
C LYS A 96 10.29 3.37 2.17
N SER A 97 10.03 4.33 3.04
CA SER A 97 9.34 4.02 4.27
C SER A 97 7.85 3.78 4.15
N SER A 98 7.22 4.36 3.13
CA SER A 98 5.77 4.19 2.97
C SER A 98 5.37 3.14 1.93
N ALA A 99 6.29 2.71 1.07
CA ALA A 99 5.92 1.76 0.01
C ALA A 99 5.01 0.61 0.40
N ILE A 100 5.40 -0.17 1.40
CA ILE A 100 4.59 -1.31 1.78
C ILE A 100 3.20 -0.89 2.31
N GLU A 101 3.14 0.25 2.98
CA GLU A 101 1.87 0.74 3.53
C GLU A 101 0.96 1.18 2.37
N VAL A 102 1.53 1.86 1.38
CA VAL A 102 0.71 2.27 0.26
C VAL A 102 0.25 1.06 -0.52
N ILE A 103 1.11 0.06 -0.64
CA ILE A 103 0.71 -1.17 -1.32
C ILE A 103 -0.48 -1.78 -0.56
N MET A 104 -0.40 -1.82 0.76
CA MET A 104 -1.51 -2.42 1.50
C MET A 104 -2.79 -1.59 1.30
N LEU A 105 -2.67 -0.26 1.33
CA LEU A 105 -3.85 0.58 1.08
C LEU A 105 -4.40 0.42 -0.34
N ARG A 106 -3.55 0.53 -1.37
CA ARG A 106 -4.08 0.48 -2.73
C ARG A 106 -4.64 -0.90 -3.07
N SER A 107 -4.13 -1.94 -2.41
CA SER A 107 -4.62 -3.28 -2.68
C SER A 107 -6.07 -3.47 -2.22
N ASN A 108 -6.55 -2.55 -1.38
CA ASN A 108 -7.92 -2.69 -0.90
C ASN A 108 -8.89 -2.66 -2.08
N GLU A 109 -8.48 -2.05 -3.21
CA GLU A 109 -9.35 -1.98 -4.38
C GLU A 109 -9.58 -3.37 -5.00
N SER A 110 -8.60 -4.28 -4.88
CA SER A 110 -8.77 -5.64 -5.41
C SER A 110 -9.26 -6.61 -4.35
N PHE A 111 -9.11 -6.23 -3.09
CA PHE A 111 -9.60 -7.06 -1.99
C PHE A 111 -11.12 -7.14 -2.06
N THR A 112 -11.64 -8.32 -1.76
CA THR A 112 -13.08 -8.50 -1.75
C THR A 112 -13.53 -9.29 -0.54
N MET A 113 -14.60 -8.83 0.09
CA MET A 113 -15.12 -9.53 1.24
C MET A 113 -15.96 -10.73 0.84
N ASP A 114 -16.13 -10.97 -0.45
CA ASP A 114 -16.89 -12.13 -0.91
C ASP A 114 -16.20 -13.39 -0.37
N ASP A 115 -14.87 -13.44 -0.46
CA ASP A 115 -14.12 -14.60 0.02
C ASP A 115 -12.80 -14.23 0.70
N MET A 116 -12.66 -12.96 1.06
CA MET A 116 -11.47 -12.46 1.75
C MET A 116 -10.19 -12.71 0.98
N SER A 117 -10.19 -12.38 -0.30
CA SER A 117 -9.03 -12.54 -1.17
C SER A 117 -8.82 -11.25 -1.93
N TRP A 118 -7.68 -11.14 -2.60
CA TRP A 118 -7.42 -10.00 -3.46
C TRP A 118 -7.65 -10.64 -4.82
N THR A 119 -8.78 -10.32 -5.45
CA THR A 119 -9.12 -10.93 -6.73
C THR A 119 -8.73 -10.04 -7.91
N CYS A 120 -7.73 -10.48 -8.68
CA CYS A 120 -7.19 -9.71 -9.80
C CYS A 120 -7.36 -10.41 -11.15
N GLY A 121 -8.37 -11.26 -11.25
CA GLY A 121 -8.63 -11.95 -12.50
C GLY A 121 -9.04 -13.37 -12.24
N ASN A 122 -8.69 -14.25 -13.17
CA ASN A 122 -9.02 -15.67 -13.04
C ASN A 122 -8.36 -16.22 -11.78
N GLN A 123 -8.60 -17.48 -11.50
CA GLN A 123 -8.03 -18.12 -10.33
C GLN A 123 -6.53 -17.89 -10.19
N ASP A 124 -5.80 -17.86 -11.32
CA ASP A 124 -4.36 -17.65 -11.29
C ASP A 124 -3.96 -16.39 -10.53
N TYR A 125 -4.71 -15.32 -10.73
CA TYR A 125 -4.42 -14.05 -10.08
C TYR A 125 -5.33 -13.69 -8.93
N LYS A 126 -5.84 -14.71 -8.26
CA LYS A 126 -6.65 -14.48 -7.07
C LYS A 126 -5.66 -14.82 -5.95
N TYR A 127 -5.38 -13.86 -5.10
CA TYR A 127 -4.43 -14.05 -4.02
C TYR A 127 -5.11 -14.23 -2.69
N ARG A 128 -4.84 -15.36 -2.05
CA ARG A 128 -5.44 -15.68 -0.76
C ARG A 128 -4.36 -15.71 0.33
N VAL A 129 -4.79 -15.85 1.57
CA VAL A 129 -3.87 -15.94 2.70
C VAL A 129 -2.85 -17.06 2.46
N SER A 130 -3.29 -18.18 1.92
CA SER A 130 -2.41 -19.32 1.68
C SER A 130 -1.31 -18.95 0.67
N ASP A 131 -1.57 -17.98 -0.21
CA ASP A 131 -0.53 -17.56 -1.16
C ASP A 131 0.57 -16.75 -0.46
N VAL A 132 0.20 -15.97 0.54
CA VAL A 132 1.16 -15.15 1.26
C VAL A 132 2.04 -16.06 2.13
N THR A 133 1.45 -17.15 2.63
CA THR A 133 2.24 -18.08 3.43
C THR A 133 3.22 -18.78 2.47
N LYS A 134 2.80 -19.00 1.23
CA LYS A 134 3.70 -19.64 0.24
C LYS A 134 4.80 -18.69 -0.21
N ALA A 135 4.74 -17.45 0.23
CA ALA A 135 5.79 -16.51 -0.11
C ALA A 135 6.70 -16.35 1.09
N GLY A 136 6.44 -17.15 2.13
CA GLY A 136 7.29 -17.09 3.32
C GLY A 136 6.87 -16.28 4.52
N HIS A 137 5.66 -15.71 4.51
CA HIS A 137 5.19 -14.92 5.64
C HIS A 137 4.34 -15.76 6.58
N SER A 138 4.24 -15.29 7.82
CA SER A 138 3.50 -15.97 8.87
C SER A 138 2.23 -15.22 9.24
N LEU A 139 1.40 -15.91 10.04
CA LEU A 139 0.13 -15.37 10.47
C LEU A 139 0.26 -14.08 11.28
N GLU A 140 1.40 -13.86 11.92
CA GLU A 140 1.60 -12.65 12.71
C GLU A 140 1.44 -11.41 11.82
N LEU A 141 1.66 -11.60 10.52
CA LEU A 141 1.48 -10.50 9.57
C LEU A 141 0.18 -10.66 8.83
N ILE A 142 -0.09 -11.88 8.36
CA ILE A 142 -1.29 -12.11 7.56
C ILE A 142 -2.63 -11.83 8.24
N GLU A 143 -2.82 -12.33 9.45
CA GLU A 143 -4.09 -12.10 10.14
C GLU A 143 -4.39 -10.61 10.28
N PRO A 144 -3.45 -9.83 10.83
CA PRO A 144 -3.68 -8.38 10.99
C PRO A 144 -3.89 -7.70 9.64
N LEU A 145 -3.22 -8.20 8.61
CA LEU A 145 -3.37 -7.64 7.28
C LEU A 145 -4.79 -7.81 6.79
N ILE A 146 -5.36 -9.01 7.00
CA ILE A 146 -6.74 -9.25 6.56
C ILE A 146 -7.70 -8.41 7.39
N LYS A 147 -7.46 -8.33 8.69
CA LYS A 147 -8.34 -7.52 9.55
C LYS A 147 -8.32 -6.05 9.06
N PHE A 148 -7.15 -5.57 8.66
CA PHE A 148 -6.98 -4.21 8.17
C PHE A 148 -7.75 -4.04 6.86
N GLN A 149 -7.67 -5.03 5.96
CA GLN A 149 -8.39 -4.94 4.69
C GLN A 149 -9.89 -4.85 4.89
N VAL A 150 -10.39 -5.68 5.79
CA VAL A 150 -11.82 -5.67 6.04
C VAL A 150 -12.26 -4.35 6.69
N GLY A 151 -11.51 -3.89 7.69
CA GLY A 151 -11.87 -2.64 8.34
C GLY A 151 -11.84 -1.49 7.36
N LEU A 152 -10.89 -1.50 6.44
CA LEU A 152 -10.79 -0.40 5.49
C LEU A 152 -11.92 -0.50 4.47
N LYS A 153 -12.24 -1.71 4.05
CA LYS A 153 -13.29 -1.94 3.08
C LYS A 153 -14.60 -1.39 3.65
N LYS A 154 -14.83 -1.66 4.93
CA LYS A 154 -16.07 -1.24 5.57
C LYS A 154 -16.24 0.25 5.76
N LEU A 155 -15.17 1.02 5.62
CA LEU A 155 -15.31 2.47 5.73
C LEU A 155 -16.00 3.00 4.47
N ASN A 156 -16.06 2.16 3.44
CA ASN A 156 -16.74 2.51 2.18
C ASN A 156 -16.26 3.86 1.67
N LEU A 157 -14.94 4.04 1.61
CA LEU A 157 -14.39 5.30 1.16
C LEU A 157 -14.73 5.69 -0.27
N HIS A 158 -14.90 6.99 -0.48
CA HIS A 158 -15.11 7.54 -1.81
C HIS A 158 -13.71 7.48 -2.39
N GLU A 159 -13.61 7.38 -3.70
CA GLU A 159 -12.29 7.32 -4.32
C GLU A 159 -11.48 8.56 -3.95
N GLU A 160 -12.14 9.72 -3.80
CA GLU A 160 -11.44 10.94 -3.38
C GLU A 160 -10.74 10.77 -2.02
N GLU A 161 -11.45 10.12 -1.09
CA GLU A 161 -10.93 9.85 0.25
C GLU A 161 -9.79 8.84 0.18
N HIS A 162 -9.97 7.82 -0.65
CA HIS A 162 -8.95 6.78 -0.81
C HIS A 162 -7.62 7.36 -1.34
N VAL A 163 -7.69 8.21 -2.36
CA VAL A 163 -6.46 8.75 -2.90
C VAL A 163 -5.84 9.78 -1.96
N LEU A 164 -6.68 10.52 -1.24
CA LEU A 164 -6.14 11.46 -0.29
C LEU A 164 -5.43 10.68 0.84
N LEU A 165 -5.99 9.54 1.25
CA LEU A 165 -5.37 8.76 2.32
C LEU A 165 -4.00 8.23 1.90
N MET A 166 -3.90 7.76 0.66
CA MET A 166 -2.61 7.29 0.19
C MET A 166 -1.59 8.42 0.16
N ALA A 167 -2.02 9.60 -0.30
CA ALA A 167 -1.13 10.74 -0.35
C ALA A 167 -0.65 11.14 1.04
N ILE A 168 -1.57 11.15 2.00
CA ILE A 168 -1.25 11.53 3.38
C ILE A 168 -0.28 10.52 3.99
N CYS A 169 -0.48 9.24 3.67
CA CYS A 169 0.40 8.19 4.14
C CYS A 169 1.84 8.43 3.64
N ILE A 170 2.00 8.77 2.37
CA ILE A 170 3.32 9.01 1.79
C ILE A 170 4.02 10.26 2.38
N VAL A 171 3.30 11.36 2.47
CA VAL A 171 3.88 12.60 2.98
C VAL A 171 3.69 12.71 4.49
N SER A 172 4.41 11.85 5.21
CA SER A 172 4.36 11.78 6.67
C SER A 172 5.67 12.35 7.21
N PRO A 173 5.59 13.41 8.03
CA PRO A 173 6.80 14.01 8.56
C PRO A 173 7.55 13.23 9.64
N ASP A 174 6.89 12.24 10.27
CA ASP A 174 7.56 11.49 11.32
C ASP A 174 8.38 10.27 10.92
N ARG A 175 8.62 10.10 9.62
CA ARG A 175 9.42 8.95 9.19
C ARG A 175 10.88 9.15 9.59
N PRO A 176 11.54 8.08 10.04
CA PRO A 176 12.95 8.25 10.43
C PRO A 176 13.80 8.62 9.22
N GLY A 177 14.71 9.57 9.40
CA GLY A 177 15.59 9.97 8.31
C GLY A 177 15.16 11.21 7.53
N VAL A 178 13.96 11.73 7.82
CA VAL A 178 13.51 12.90 7.09
C VAL A 178 14.29 14.13 7.55
N GLN A 179 14.59 15.01 6.62
CA GLN A 179 15.34 16.21 6.95
C GLN A 179 14.43 17.40 7.15
N ASP A 180 13.66 17.76 6.14
CA ASP A 180 12.76 18.90 6.25
C ASP A 180 11.37 18.50 6.69
N ALA A 181 11.26 18.11 7.95
CA ALA A 181 10.00 17.69 8.53
C ALA A 181 8.93 18.76 8.41
N ALA A 182 9.31 20.03 8.59
CA ALA A 182 8.32 21.10 8.53
C ALA A 182 7.66 21.26 7.15
N LEU A 183 8.46 21.14 6.09
CA LEU A 183 7.91 21.27 4.75
C LEU A 183 7.00 20.08 4.47
N ILE A 184 7.40 18.90 4.94
CA ILE A 184 6.59 17.70 4.72
C ILE A 184 5.28 17.83 5.48
N GLU A 185 5.33 18.39 6.69
CA GLU A 185 4.11 18.56 7.48
C GLU A 185 3.18 19.56 6.80
N ALA A 186 3.76 20.57 6.15
CA ALA A 186 2.95 21.56 5.46
C ALA A 186 2.22 20.90 4.28
N ILE A 187 2.95 20.09 3.52
CA ILE A 187 2.32 19.40 2.39
C ILE A 187 1.25 18.45 2.93
N GLN A 188 1.55 17.73 4.01
CA GLN A 188 0.57 16.80 4.55
C GLN A 188 -0.66 17.52 5.11
N ASP A 189 -0.45 18.65 5.78
CA ASP A 189 -1.56 19.41 6.33
C ASP A 189 -2.49 19.90 5.23
N ARG A 190 -1.92 20.35 4.10
CA ARG A 190 -2.72 20.80 2.96
C ARG A 190 -3.61 19.66 2.49
N LEU A 191 -3.06 18.44 2.47
CA LEU A 191 -3.82 17.26 2.08
C LEU A 191 -4.87 16.86 3.13
N SER A 192 -4.49 16.93 4.41
CA SER A 192 -5.38 16.59 5.52
C SER A 192 -6.59 17.52 5.61
N ASN A 193 -6.36 18.82 5.40
CA ASN A 193 -7.45 19.77 5.45
C ASN A 193 -8.38 19.52 4.27
N THR A 194 -7.81 19.12 3.14
CA THR A 194 -8.61 18.83 1.97
C THR A 194 -9.51 17.65 2.29
N LEU A 195 -8.94 16.61 2.91
CA LEU A 195 -9.71 15.43 3.27
C LEU A 195 -10.79 15.75 4.30
N GLN A 196 -10.43 16.48 5.36
CA GLN A 196 -11.42 16.83 6.39
C GLN A 196 -12.56 17.66 5.79
N THR A 197 -12.22 18.59 4.90
CA THR A 197 -13.23 19.42 4.25
C THR A 197 -14.12 18.59 3.34
N TYR A 198 -13.49 17.70 2.57
CA TYR A 198 -14.23 16.83 1.68
C TYR A 198 -15.23 15.97 2.44
N ILE A 199 -14.78 15.39 3.55
CA ILE A 199 -15.63 14.54 4.37
C ILE A 199 -16.84 15.29 4.94
N ARG A 200 -16.61 16.45 5.55
CA ARG A 200 -17.71 17.23 6.12
C ARG A 200 -18.30 18.12 5.05
N CYS A 201 -18.45 17.59 3.84
CA CYS A 201 -18.98 18.38 2.74
C CYS A 201 -19.62 17.46 1.72
N ARG A 202 -18.93 16.39 1.37
CA ARG A 202 -19.43 15.45 0.37
C ARG A 202 -19.78 14.06 0.87
N HIS A 203 -19.43 13.75 2.12
CA HIS A 203 -19.72 12.41 2.64
C HIS A 203 -21.07 12.32 3.36
N PRO A 204 -22.04 11.63 2.74
CA PRO A 204 -23.38 11.45 3.30
C PRO A 204 -23.39 10.68 4.62
N PRO A 205 -24.31 11.05 5.53
CA PRO A 205 -24.42 10.38 6.84
C PRO A 205 -24.99 8.97 6.67
N PRO A 206 -24.76 8.08 7.63
CA PRO A 206 -24.01 8.30 8.87
C PRO A 206 -22.49 8.21 8.64
N LEU A 210 -16.79 11.24 12.32
CA LEU A 210 -16.07 10.10 12.89
C LEU A 210 -15.19 9.44 11.82
N LEU A 211 -15.55 9.64 10.56
CA LEU A 211 -14.78 9.04 9.47
C LEU A 211 -13.32 9.49 9.44
N TYR A 212 -13.06 10.77 9.64
CA TYR A 212 -11.69 11.25 9.59
C TYR A 212 -10.84 10.55 10.64
N ALA A 213 -11.32 10.48 11.88
CA ALA A 213 -10.55 9.84 12.91
C ALA A 213 -10.32 8.36 12.57
N LYS A 214 -11.31 7.71 11.95
CA LYS A 214 -11.16 6.30 11.59
C LYS A 214 -10.07 6.15 10.54
N MET A 215 -10.00 7.08 9.60
CA MET A 215 -8.98 7.04 8.55
C MET A 215 -7.59 7.25 9.15
N ILE A 216 -7.48 8.16 10.09
CA ILE A 216 -6.23 8.43 10.78
C ILE A 216 -5.79 7.18 11.54
N GLN A 217 -6.76 6.48 12.14
CA GLN A 217 -6.42 5.25 12.86
C GLN A 217 -5.86 4.20 11.90
N LYS A 218 -6.36 4.16 10.67
CA LYS A 218 -5.86 3.18 9.70
C LYS A 218 -4.39 3.48 9.37
N LEU A 219 -4.00 4.75 9.42
CA LEU A 219 -2.60 5.10 9.17
C LEU A 219 -1.71 4.56 10.31
N ALA A 220 -2.25 4.56 11.53
CA ALA A 220 -1.50 4.03 12.67
C ALA A 220 -1.40 2.52 12.52
N ASP A 221 -2.50 1.89 12.11
CA ASP A 221 -2.47 0.43 11.92
C ASP A 221 -1.41 0.05 10.89
N LEU A 222 -1.28 0.89 9.86
CA LEU A 222 -0.34 0.65 8.80
C LEU A 222 1.10 0.68 9.31
N ARG A 223 1.39 1.53 10.30
CA ARG A 223 2.75 1.57 10.84
C ARG A 223 3.08 0.23 11.50
N SER A 224 2.08 -0.35 12.19
CA SER A 224 2.24 -1.63 12.88
C SER A 224 2.48 -2.73 11.84
N LEU A 225 1.70 -2.71 10.76
CA LEU A 225 1.87 -3.72 9.72
C LEU A 225 3.23 -3.60 9.03
N ASN A 226 3.70 -2.36 8.84
CA ASN A 226 4.99 -2.06 8.23
C ASN A 226 6.08 -2.69 9.09
N GLU A 227 6.01 -2.42 10.40
CA GLU A 227 7.02 -2.99 11.31
C GLU A 227 7.02 -4.52 11.28
N GLU A 228 5.85 -5.14 11.30
CA GLU A 228 5.80 -6.59 11.27
C GLU A 228 6.34 -7.09 9.93
N HIS A 229 5.96 -6.42 8.85
CA HIS A 229 6.45 -6.86 7.54
C HIS A 229 7.99 -6.78 7.47
N SER A 230 8.55 -5.72 8.04
CA SER A 230 10.01 -5.55 8.03
C SER A 230 10.68 -6.68 8.80
N LYS A 231 10.11 -7.04 9.94
CA LYS A 231 10.67 -8.14 10.74
C LYS A 231 10.67 -9.43 9.94
N GLN A 232 9.55 -9.71 9.27
CA GLN A 232 9.46 -10.94 8.49
C GLN A 232 10.33 -10.91 7.22
N TYR A 233 10.48 -9.73 6.63
CA TYR A 233 11.32 -9.62 5.45
C TYR A 233 12.77 -9.95 5.85
N ARG A 234 13.20 -9.45 7.01
CA ARG A 234 14.56 -9.71 7.49
C ARG A 234 14.79 -11.21 7.62
N CYS A 235 13.83 -11.90 8.19
CA CYS A 235 13.94 -13.35 8.34
C CYS A 235 13.96 -14.06 6.99
N LEU A 236 13.10 -13.62 6.08
CA LEU A 236 13.05 -14.20 4.76
C LEU A 236 14.39 -14.01 4.03
N SER A 237 15.04 -12.87 4.27
CA SER A 237 16.29 -12.57 3.59
C SER A 237 17.41 -13.54 3.99
N PHE A 238 17.23 -14.24 5.09
CA PHE A 238 18.23 -15.22 5.54
C PHE A 238 18.10 -16.53 4.78
N GLN A 239 17.03 -16.69 4.01
CA GLN A 239 16.87 -17.94 3.31
C GLN A 239 17.81 -17.98 2.12
N PRO A 240 18.69 -18.98 2.06
CA PRO A 240 19.61 -19.01 0.91
C PRO A 240 18.89 -18.95 -0.45
N GLU A 241 19.44 -18.11 -1.33
CA GLU A 241 18.92 -17.91 -2.68
C GLU A 241 17.64 -17.06 -2.75
N CYS A 242 17.28 -16.45 -1.62
CA CYS A 242 16.06 -15.63 -1.58
C CYS A 242 16.17 -14.40 -2.50
N SER A 243 17.34 -13.79 -2.55
CA SER A 243 17.49 -12.59 -3.37
C SER A 243 17.10 -12.76 -4.85
N MET A 244 17.34 -13.93 -5.43
CA MET A 244 16.99 -14.17 -6.83
C MET A 244 15.47 -14.18 -7.03
N LYS A 245 14.75 -14.52 -5.97
CA LYS A 245 13.30 -14.57 -6.06
C LYS A 245 12.69 -13.19 -5.88
N LEU A 246 13.51 -12.22 -5.51
CA LEU A 246 13.03 -10.85 -5.31
C LEU A 246 13.37 -10.05 -6.57
N THR A 247 13.52 -8.73 -6.44
CA THR A 247 13.91 -7.82 -7.55
C THR A 247 14.82 -6.76 -6.96
N PRO A 248 15.64 -6.09 -7.81
CA PRO A 248 16.53 -5.04 -7.27
C PRO A 248 15.78 -3.94 -6.49
N LEU A 249 14.61 -3.55 -6.99
CA LEU A 249 13.86 -2.52 -6.28
C LEU A 249 13.36 -3.03 -4.93
N VAL A 250 12.85 -4.26 -4.87
CA VAL A 250 12.36 -4.80 -3.61
C VAL A 250 13.53 -4.91 -2.62
N LEU A 251 14.67 -5.36 -3.11
CA LEU A 251 15.87 -5.49 -2.27
C LEU A 251 16.28 -4.13 -1.69
N GLU A 252 16.24 -3.09 -2.51
CA GLU A 252 16.62 -1.78 -1.99
C GLU A 252 15.60 -1.23 -1.01
N VAL A 253 14.32 -1.27 -1.40
CA VAL A 253 13.30 -0.73 -0.54
C VAL A 253 13.21 -1.40 0.84
N PHE A 254 13.31 -2.72 0.88
CA PHE A 254 13.19 -3.41 2.16
C PHE A 254 14.49 -3.80 2.83
N GLY A 255 15.58 -3.66 2.09
CA GLY A 255 16.89 -4.00 2.62
C GLY A 255 17.47 -2.83 3.39
#